data_2Y03
#
_entry.id   2Y03
#
_cell.length_a   89.700
_cell.length_b   61.600
_cell.length_c   101.600
_cell.angle_alpha   90.00
_cell.angle_beta   109.70
_cell.angle_gamma   90.00
#
_symmetry.space_group_name_H-M   'P 1 21 1'
#
loop_
_entity.id
_entity.type
_entity.pdbx_description
1 polymer 'BETA-1 ADRENERGIC RECEPTOR'
2 non-polymer 'CHOLESTEROL HEMISUCCINATE'
3 non-polymer HEGA-10
4 non-polymer ISOPRENALINE
5 non-polymer 'SODIUM ION'
6 water water
#
_entity_poly.entity_id   1
_entity_poly.type   'polypeptide(L)'
_entity_poly.pdbx_seq_one_letter_code
;MGAELLSQQWEAGMSLLMALVVLLIVAGNVLVIAAIGSTQRLQTLTNLFITSLACADLVVGLLVVPFGATLVVRGTWLWG
SFLCELWTSLDVLCVTASIETLCVIAIDRYLAITSPFRYQSLMTRARAKVIICTVWAISALVSFLPIMMHWWRDEDPQAL
KCYQDPGCCDFVTNRAYAIASSIISFYIPLLIMIFVALRVYREAKEQIRKIDRASKRKTSRVMLMREHKALKTLGIIMGV
FTLCWLPFFLVNIVNVFNRDLVPDWLFVAFNWLGYANSAMNPIIYCRSPDFRKAFKRLLAFPRKADRRLHHHHHH
;
_entity_poly.pdbx_strand_id   A,B
#
# COMPACT_ATOMS: atom_id res chain seq x y z
N ALA A 3 37.28 30.27 -15.38
CA ALA A 3 35.90 29.99 -14.92
C ALA A 3 35.05 29.33 -16.01
N GLU A 4 35.05 29.93 -17.20
CA GLU A 4 34.36 29.34 -18.35
C GLU A 4 35.12 28.13 -18.88
N LEU A 5 36.37 27.98 -18.46
CA LEU A 5 37.17 26.81 -18.83
C LEU A 5 36.83 25.66 -17.91
N LEU A 6 36.70 25.99 -16.63
CA LEU A 6 36.39 25.02 -15.61
C LEU A 6 35.01 24.38 -15.84
N SER A 7 34.10 25.19 -16.36
CA SER A 7 32.78 24.76 -16.77
C SER A 7 32.82 23.88 -18.02
N GLN A 8 33.54 24.29 -19.05
CA GLN A 8 33.71 23.47 -20.27
C GLN A 8 34.37 22.11 -20.02
N GLN A 9 35.34 22.07 -19.12
CA GLN A 9 36.03 20.82 -18.80
C GLN A 9 35.05 19.88 -18.11
N TRP A 10 34.51 20.34 -16.98
CA TRP A 10 33.49 19.63 -16.22
C TRP A 10 32.32 19.19 -17.12
N GLU A 11 31.75 20.12 -17.89
CA GLU A 11 30.60 19.76 -18.73
C GLU A 11 30.89 18.55 -19.59
N ALA A 12 31.99 18.62 -20.34
CA ALA A 12 32.30 17.60 -21.32
C ALA A 12 32.71 16.25 -20.71
N GLY A 13 33.45 16.28 -19.61
CA GLY A 13 33.81 15.04 -18.89
C GLY A 13 32.61 14.36 -18.24
N MET A 14 31.62 15.16 -17.84
CA MET A 14 30.40 14.68 -17.20
C MET A 14 29.48 14.11 -18.27
N SER A 15 29.31 14.83 -19.38
CA SER A 15 28.52 14.33 -20.49
C SER A 15 28.99 12.96 -20.95
N LEU A 16 30.28 12.71 -20.76
CA LEU A 16 30.92 11.50 -21.20
C LEU A 16 30.61 10.32 -20.30
N LEU A 17 30.97 10.45 -19.02
CA LEU A 17 30.56 9.54 -17.95
C LEU A 17 29.05 9.22 -18.05
N MET A 18 28.24 10.26 -18.19
CA MET A 18 26.83 10.09 -18.41
C MET A 18 26.55 9.22 -19.64
N ALA A 19 27.12 9.57 -20.80
CA ALA A 19 26.88 8.79 -22.01
C ALA A 19 27.24 7.32 -21.81
N LEU A 20 28.27 7.08 -21.03
CA LEU A 20 28.73 5.74 -20.72
C LEU A 20 27.68 4.95 -19.92
N VAL A 21 27.18 5.53 -18.83
CA VAL A 21 26.19 4.86 -17.97
C VAL A 21 24.90 4.59 -18.74
N VAL A 22 24.51 5.53 -19.61
CA VAL A 22 23.36 5.29 -20.47
C VAL A 22 23.60 4.05 -21.30
N LEU A 23 24.77 3.98 -21.93
CA LEU A 23 25.14 2.91 -22.83
C LEU A 23 25.19 1.56 -22.13
N LEU A 24 25.89 1.53 -20.99
CA LEU A 24 25.97 0.34 -20.15
C LEU A 24 24.59 -0.21 -19.72
N ILE A 25 23.64 0.69 -19.42
CA ILE A 25 22.30 0.29 -18.97
C ILE A 25 21.51 -0.25 -20.16
N VAL A 26 21.48 0.51 -21.25
CA VAL A 26 20.70 0.10 -22.42
C VAL A 26 21.29 -1.16 -23.09
N ALA A 27 22.62 -1.23 -23.21
CA ALA A 27 23.28 -2.41 -23.79
C ALA A 27 22.98 -3.62 -22.94
N GLY A 28 23.31 -3.55 -21.66
CA GLY A 28 23.13 -4.65 -20.74
C GLY A 28 21.73 -5.25 -20.70
N ASN A 29 20.73 -4.37 -20.66
CA ASN A 29 19.33 -4.78 -20.54
C ASN A 29 18.68 -5.24 -21.84
N VAL A 30 19.03 -4.60 -22.96
CA VAL A 30 18.64 -5.11 -24.27
C VAL A 30 19.17 -6.53 -24.42
N LEU A 31 20.45 -6.73 -24.11
CA LEU A 31 21.03 -8.08 -24.10
C LEU A 31 20.18 -9.08 -23.34
N VAL A 32 19.85 -8.75 -22.08
CA VAL A 32 19.04 -9.63 -21.25
C VAL A 32 17.70 -9.94 -21.91
N ILE A 33 17.02 -8.92 -22.41
CA ILE A 33 15.72 -9.10 -23.05
C ILE A 33 15.85 -9.96 -24.30
N ALA A 34 16.85 -9.68 -25.13
CA ALA A 34 17.13 -10.49 -26.34
C ALA A 34 17.50 -11.93 -26.01
N ALA A 35 18.43 -12.13 -25.07
CA ALA A 35 18.83 -13.46 -24.63
C ALA A 35 17.60 -14.30 -24.26
N ILE A 36 16.79 -13.77 -23.34
CA ILE A 36 15.56 -14.42 -22.94
C ILE A 36 14.62 -14.57 -24.13
N GLY A 37 14.54 -13.57 -24.99
CA GLY A 37 13.57 -13.61 -26.05
C GLY A 37 13.84 -14.65 -27.12
N SER A 38 15.11 -15.01 -27.27
CA SER A 38 15.54 -15.79 -28.42
C SER A 38 16.04 -17.17 -28.01
N THR A 39 15.99 -17.47 -26.71
CA THR A 39 16.53 -18.72 -26.18
C THR A 39 15.49 -19.50 -25.36
N GLN A 40 14.90 -20.53 -25.98
CA GLN A 40 13.79 -21.31 -25.41
C GLN A 40 14.19 -21.89 -24.07
N ARG A 41 15.44 -22.34 -24.00
CA ARG A 41 16.04 -22.83 -22.76
C ARG A 41 15.84 -21.83 -21.60
N LEU A 42 15.91 -20.53 -21.91
CA LEU A 42 15.77 -19.45 -20.92
C LEU A 42 14.36 -18.87 -20.76
N GLN A 43 13.36 -19.48 -21.38
CA GLN A 43 12.00 -18.96 -21.27
C GLN A 43 11.18 -19.54 -20.08
N THR A 44 11.84 -19.78 -18.95
CA THR A 44 11.16 -20.16 -17.71
C THR A 44 10.20 -19.07 -17.26
N LEU A 45 9.24 -19.43 -16.39
CA LEU A 45 8.28 -18.47 -15.89
C LEU A 45 8.98 -17.42 -15.05
N THR A 46 9.97 -17.84 -14.26
CA THR A 46 10.80 -16.90 -13.52
C THR A 46 11.49 -15.84 -14.39
N ASN A 47 11.92 -16.22 -15.59
CA ASN A 47 12.61 -15.26 -16.47
C ASN A 47 11.69 -14.24 -17.13
N LEU A 48 10.39 -14.55 -17.11
CA LEU A 48 9.38 -13.58 -17.47
C LEU A 48 9.42 -12.36 -16.51
N PHE A 49 9.56 -12.64 -15.21
CA PHE A 49 9.70 -11.58 -14.20
C PHE A 49 11.02 -10.81 -14.36
N ILE A 50 12.06 -11.53 -14.76
CA ILE A 50 13.36 -10.92 -15.05
C ILE A 50 13.24 -9.96 -16.24
N THR A 51 12.60 -10.41 -17.31
CA THR A 51 12.27 -9.54 -18.45
C THR A 51 11.60 -8.25 -17.99
N SER A 52 10.57 -8.38 -17.15
CA SER A 52 9.85 -7.26 -16.55
C SER A 52 10.78 -6.31 -15.78
N LEU A 53 11.64 -6.89 -14.95
CA LEU A 53 12.62 -6.14 -14.20
C LEU A 53 13.64 -5.45 -15.11
N ALA A 54 14.03 -6.13 -16.18
CA ALA A 54 14.91 -5.55 -17.19
C ALA A 54 14.23 -4.40 -17.96
N CYS A 55 12.90 -4.47 -18.12
CA CYS A 55 12.13 -3.38 -18.76
C CYS A 55 12.11 -2.14 -17.92
N ALA A 56 12.01 -2.31 -16.61
CA ALA A 56 12.07 -1.18 -15.69
C ALA A 56 13.43 -0.53 -15.84
N ASP A 57 14.49 -1.34 -15.78
CA ASP A 57 15.85 -0.84 -15.92
C ASP A 57 16.03 -0.17 -17.29
N LEU A 58 15.41 -0.74 -18.32
CA LEU A 58 15.51 -0.15 -19.64
C LEU A 58 14.93 1.26 -19.69
N VAL A 59 13.82 1.51 -18.99
CA VAL A 59 13.18 2.82 -18.98
C VAL A 59 14.08 3.83 -18.26
N VAL A 60 14.71 3.39 -17.18
CA VAL A 60 15.70 4.21 -16.48
C VAL A 60 16.82 4.63 -17.44
N GLY A 61 17.18 3.73 -18.36
CA GLY A 61 18.25 3.96 -19.32
C GLY A 61 17.88 4.91 -20.41
N LEU A 62 16.75 4.66 -21.07
CA LEU A 62 16.25 5.50 -22.15
C LEU A 62 15.69 6.86 -21.68
N LEU A 63 15.00 6.90 -20.54
CA LEU A 63 14.32 8.11 -20.18
C LEU A 63 14.87 8.77 -18.94
N VAL A 64 14.93 8.02 -17.84
CA VAL A 64 15.20 8.65 -16.54
C VAL A 64 16.60 9.29 -16.53
N VAL A 65 17.63 8.49 -16.82
CA VAL A 65 19.01 8.95 -16.78
C VAL A 65 19.34 10.04 -17.82
N PRO A 66 18.99 9.84 -19.10
CA PRO A 66 19.25 10.95 -20.00
C PRO A 66 18.74 12.29 -19.48
N PHE A 67 17.49 12.36 -19.02
CA PHE A 67 16.92 13.62 -18.61
C PHE A 67 17.65 14.20 -17.41
N GLY A 68 17.99 13.34 -16.46
CA GLY A 68 18.67 13.77 -15.26
C GLY A 68 20.12 14.15 -15.55
N ALA A 69 20.65 13.58 -16.62
CA ALA A 69 21.99 13.91 -17.13
C ALA A 69 22.03 15.33 -17.68
N THR A 70 21.09 15.70 -18.56
CA THR A 70 21.00 17.08 -19.02
C THR A 70 20.90 18.04 -17.85
N LEU A 71 20.20 17.64 -16.78
CA LEU A 71 20.08 18.46 -15.60
C LEU A 71 21.41 18.58 -14.88
N VAL A 72 22.03 17.45 -14.55
CA VAL A 72 23.32 17.43 -13.86
C VAL A 72 24.42 18.14 -14.67
N VAL A 73 24.35 18.10 -15.99
CA VAL A 73 25.40 18.69 -16.83
C VAL A 73 25.23 20.20 -17.03
N ARG A 74 24.04 20.61 -17.47
CA ARG A 74 23.76 21.99 -17.84
C ARG A 74 23.41 22.88 -16.65
N GLY A 75 23.04 22.27 -15.52
CA GLY A 75 22.71 23.02 -14.33
C GLY A 75 21.32 23.61 -14.33
N THR A 76 20.51 23.33 -15.37
CA THR A 76 19.06 23.69 -15.37
C THR A 76 18.14 22.69 -16.08
N TRP A 77 16.84 22.76 -15.81
CA TRP A 77 15.87 21.96 -16.55
C TRP A 77 15.49 22.64 -17.84
N LEU A 78 15.90 22.03 -18.96
CA LEU A 78 15.66 22.63 -20.27
C LEU A 78 14.32 22.32 -20.90
N TRP A 79 13.57 21.38 -20.33
CA TRP A 79 12.47 20.72 -21.06
C TRP A 79 11.05 21.14 -20.69
N GLY A 80 10.92 22.07 -19.75
CA GLY A 80 9.61 22.62 -19.40
C GLY A 80 8.91 21.83 -18.32
N SER A 81 7.83 22.42 -17.79
CA SER A 81 7.14 21.90 -16.62
C SER A 81 6.50 20.54 -16.79
N PHE A 82 5.81 20.29 -17.91
CA PHE A 82 5.11 19.04 -18.07
C PHE A 82 6.08 17.86 -18.06
N LEU A 83 7.08 17.91 -18.92
CA LEU A 83 8.13 16.90 -18.92
C LEU A 83 8.89 16.70 -17.59
N CYS A 84 8.99 17.75 -16.79
CA CYS A 84 9.56 17.64 -15.47
C CYS A 84 8.69 16.73 -14.60
N GLU A 85 7.37 16.94 -14.64
CA GLU A 85 6.42 16.09 -13.91
C GLU A 85 6.43 14.65 -14.43
N LEU A 86 6.39 14.47 -15.76
CA LEU A 86 6.50 13.16 -16.37
C LEU A 86 7.80 12.48 -15.99
N TRP A 87 8.91 13.22 -16.04
CA TRP A 87 10.20 12.62 -15.71
C TRP A 87 10.20 12.16 -14.25
N THR A 88 9.72 13.02 -13.37
CA THR A 88 9.58 12.70 -11.96
C THR A 88 8.75 11.43 -11.72
N SER A 89 7.66 11.28 -12.48
CA SER A 89 6.76 10.11 -12.39
C SER A 89 7.47 8.83 -12.82
N LEU A 90 8.07 8.88 -14.02
CA LEU A 90 8.79 7.73 -14.55
C LEU A 90 9.90 7.26 -13.59
N ASP A 91 10.59 8.20 -12.97
CA ASP A 91 11.52 7.89 -11.91
C ASP A 91 10.86 7.11 -10.75
N VAL A 92 9.80 7.65 -10.14
CA VAL A 92 9.13 6.95 -9.06
C VAL A 92 8.58 5.61 -9.57
N LEU A 93 7.97 5.60 -10.76
CA LEU A 93 7.39 4.37 -11.29
C LEU A 93 8.37 3.21 -11.28
N CYS A 94 9.55 3.44 -11.88
CA CYS A 94 10.59 2.41 -12.01
C CYS A 94 11.02 1.79 -10.70
N VAL A 95 11.38 2.61 -9.70
CA VAL A 95 11.83 2.06 -8.43
C VAL A 95 10.72 1.22 -7.84
N THR A 96 9.51 1.75 -7.86
CA THR A 96 8.34 1.00 -7.39
C THR A 96 8.13 -0.34 -8.12
N ALA A 97 8.21 -0.32 -9.46
CA ALA A 97 8.04 -1.54 -10.26
C ALA A 97 9.14 -2.57 -10.01
N SER A 98 10.37 -2.08 -9.84
CA SER A 98 11.49 -2.95 -9.56
C SER A 98 11.33 -3.74 -8.26
N ILE A 99 11.14 -3.02 -7.15
CA ILE A 99 11.05 -3.63 -5.83
C ILE A 99 9.77 -4.49 -5.72
N GLU A 100 8.70 -4.14 -6.45
CA GLU A 100 7.50 -4.99 -6.44
C GLU A 100 7.70 -6.31 -7.20
N THR A 101 8.38 -6.22 -8.35
CA THR A 101 8.80 -7.38 -9.15
C THR A 101 9.77 -8.29 -8.39
N LEU A 102 10.67 -7.70 -7.61
CA LEU A 102 11.56 -8.49 -6.78
C LEU A 102 10.75 -9.30 -5.78
N CYS A 103 9.77 -8.69 -5.11
CA CYS A 103 8.86 -9.45 -4.24
C CYS A 103 8.20 -10.62 -4.93
N VAL A 104 7.60 -10.36 -6.08
CA VAL A 104 6.97 -11.40 -6.88
C VAL A 104 7.95 -12.55 -7.13
N ILE A 105 9.16 -12.24 -7.58
CA ILE A 105 10.22 -13.24 -7.82
C ILE A 105 10.45 -14.06 -6.54
N ALA A 106 10.68 -13.38 -5.41
CA ALA A 106 10.92 -14.09 -4.16
C ALA A 106 9.73 -14.99 -3.83
N ILE A 107 8.50 -14.55 -4.12
CA ILE A 107 7.30 -15.36 -3.83
C ILE A 107 7.17 -16.56 -4.78
N ASP A 108 7.45 -16.34 -6.06
CA ASP A 108 7.53 -17.40 -7.04
C ASP A 108 8.47 -18.49 -6.56
N ARG A 109 9.65 -18.10 -6.06
CA ARG A 109 10.66 -19.07 -5.63
C ARG A 109 10.28 -19.82 -4.37
N TYR A 110 9.67 -19.12 -3.42
CA TYR A 110 9.17 -19.75 -2.19
C TYR A 110 8.11 -20.81 -2.53
N LEU A 111 7.22 -20.43 -3.45
CA LEU A 111 6.17 -21.32 -3.88
C LEU A 111 6.71 -22.58 -4.57
N ALA A 112 7.62 -22.40 -5.53
CA ALA A 112 8.18 -23.52 -6.30
C ALA A 112 9.02 -24.42 -5.42
N ILE A 113 9.65 -23.85 -4.40
CA ILE A 113 10.49 -24.64 -3.51
C ILE A 113 9.70 -25.39 -2.43
N THR A 114 8.51 -24.92 -2.07
CA THR A 114 7.78 -25.59 -0.99
C THR A 114 6.51 -26.34 -1.38
N SER A 115 6.01 -26.14 -2.59
CA SER A 115 4.93 -26.98 -3.12
C SER A 115 5.12 -27.20 -4.61
N PRO A 116 6.20 -27.88 -5.00
CA PRO A 116 6.44 -28.03 -6.44
C PRO A 116 5.23 -28.54 -7.20
N PHE A 117 4.39 -29.35 -6.56
CA PHE A 117 3.18 -29.81 -7.24
C PHE A 117 2.10 -28.73 -7.37
N ARG A 118 1.77 -28.07 -6.26
CA ARG A 118 0.78 -26.99 -6.33
C ARG A 118 1.30 -25.90 -7.28
N TYR A 119 2.56 -25.52 -7.11
CA TYR A 119 3.22 -24.61 -8.04
C TYR A 119 3.00 -25.02 -9.52
N GLN A 120 3.24 -26.28 -9.84
CA GLN A 120 3.05 -26.79 -11.20
C GLN A 120 1.69 -26.50 -11.81
N SER A 121 0.64 -26.66 -11.00
CA SER A 121 -0.74 -26.54 -11.48
C SER A 121 -1.35 -25.17 -11.13
N LEU A 122 -0.51 -24.25 -10.70
CA LEU A 122 -0.96 -22.88 -10.44
C LEU A 122 -0.17 -21.84 -11.26
N MET A 123 1.08 -22.13 -11.59
CA MET A 123 1.91 -21.22 -12.37
C MET A 123 1.89 -21.54 -13.86
N THR A 124 1.23 -20.69 -14.64
CA THR A 124 1.21 -20.80 -16.10
C THR A 124 1.77 -19.51 -16.73
N ARG A 125 2.04 -19.55 -18.03
CA ARG A 125 2.41 -18.34 -18.76
C ARG A 125 1.36 -17.28 -18.67
N ALA A 126 0.09 -17.66 -18.91
CA ALA A 126 -1.02 -16.71 -18.88
C ALA A 126 -1.11 -15.99 -17.53
N ARG A 127 -0.89 -16.75 -16.45
CA ARG A 127 -0.96 -16.21 -15.11
C ARG A 127 0.25 -15.34 -14.75
N ALA A 128 1.44 -15.75 -15.22
CA ALA A 128 2.66 -14.96 -15.05
C ALA A 128 2.53 -13.58 -15.69
N LYS A 129 1.89 -13.51 -16.85
CA LYS A 129 1.58 -12.19 -17.47
C LYS A 129 0.60 -11.34 -16.67
N VAL A 130 -0.42 -11.95 -16.10
CA VAL A 130 -1.33 -11.23 -15.22
C VAL A 130 -0.55 -10.65 -14.05
N ILE A 131 0.36 -11.45 -13.47
CA ILE A 131 1.16 -10.98 -12.33
C ILE A 131 1.97 -9.72 -12.70
N ILE A 132 2.77 -9.84 -13.76
CA ILE A 132 3.52 -8.71 -14.31
C ILE A 132 2.66 -7.45 -14.52
N CYS A 133 1.50 -7.59 -15.18
CA CYS A 133 0.62 -6.42 -15.40
C CYS A 133 0.07 -5.82 -14.14
N THR A 134 -0.22 -6.67 -13.18
CA THR A 134 -0.81 -6.21 -11.94
C THR A 134 0.24 -5.38 -11.21
N VAL A 135 1.50 -5.83 -11.27
CA VAL A 135 2.62 -5.09 -10.70
C VAL A 135 2.73 -3.70 -11.33
N TRP A 136 2.83 -3.65 -12.65
CA TRP A 136 2.87 -2.37 -13.33
C TRP A 136 1.64 -1.48 -13.07
N ALA A 137 0.45 -2.09 -12.98
CA ALA A 137 -0.77 -1.34 -12.65
C ALA A 137 -0.74 -0.66 -11.26
N ILE A 138 -0.41 -1.45 -10.23
CA ILE A 138 -0.29 -0.95 -8.87
C ILE A 138 0.82 0.07 -8.77
N SER A 139 1.93 -0.19 -9.47
CA SER A 139 3.06 0.73 -9.48
C SER A 139 2.70 2.09 -10.10
N ALA A 140 1.95 2.07 -11.20
CA ALA A 140 1.52 3.28 -11.87
C ALA A 140 0.56 4.02 -11.00
N LEU A 141 -0.31 3.27 -10.36
CA LEU A 141 -1.33 3.84 -9.47
C LEU A 141 -0.68 4.70 -8.38
N VAL A 142 0.29 4.09 -7.72
CA VAL A 142 0.97 4.63 -6.58
C VAL A 142 2.01 5.73 -6.90
N SER A 143 2.45 5.79 -8.16
CA SER A 143 3.48 6.79 -8.54
C SER A 143 2.98 7.99 -9.35
N PHE A 144 2.22 7.73 -10.42
CA PHE A 144 1.67 8.77 -11.30
C PHE A 144 0.60 9.66 -10.66
N LEU A 145 -0.44 9.05 -10.11
CA LEU A 145 -1.60 9.81 -9.68
C LEU A 145 -1.29 10.88 -8.64
N PRO A 146 -0.52 10.55 -7.58
CA PRO A 146 -0.24 11.63 -6.62
C PRO A 146 0.67 12.69 -7.20
N ILE A 147 1.42 12.33 -8.24
CA ILE A 147 2.36 13.27 -8.77
C ILE A 147 1.60 14.19 -9.66
N MET A 148 0.82 13.61 -10.58
CA MET A 148 0.02 14.37 -11.53
C MET A 148 -1.01 15.20 -10.76
N MET A 149 -1.42 14.71 -9.60
CA MET A 149 -2.40 15.40 -8.79
C MET A 149 -1.83 16.29 -7.69
N HIS A 150 -0.52 16.51 -7.73
CA HIS A 150 0.14 17.47 -6.84
C HIS A 150 0.06 17.18 -5.33
N TRP A 151 -0.19 15.95 -4.90
CA TRP A 151 -0.26 15.69 -3.49
C TRP A 151 1.11 15.87 -2.83
N TRP A 152 2.15 15.90 -3.67
CA TRP A 152 3.53 15.94 -3.21
C TRP A 152 4.08 17.32 -2.87
N ARG A 153 3.40 18.38 -3.33
CA ARG A 153 3.91 19.76 -3.25
C ARG A 153 3.94 20.36 -1.85
N ASP A 154 4.77 21.37 -1.67
CA ASP A 154 4.94 22.00 -0.37
C ASP A 154 4.54 23.47 -0.36
N GLU A 155 4.23 23.97 0.83
CA GLU A 155 3.67 25.31 1.06
C GLU A 155 4.79 26.34 1.16
N ASP A 156 5.98 25.87 1.50
CA ASP A 156 7.13 26.71 1.69
C ASP A 156 7.34 27.64 0.49
N PRO A 157 7.59 28.95 0.75
CA PRO A 157 7.81 29.86 -0.37
C PRO A 157 9.11 29.60 -1.14
N GLN A 158 10.12 29.03 -0.49
CA GLN A 158 11.32 28.65 -1.23
C GLN A 158 11.01 27.54 -2.25
N ALA A 159 10.15 26.61 -1.85
CA ALA A 159 9.67 25.53 -2.72
C ALA A 159 8.73 26.05 -3.80
N LEU A 160 7.84 26.96 -3.43
CA LEU A 160 6.94 27.58 -4.39
C LEU A 160 7.69 28.36 -5.47
N LYS A 161 8.86 28.90 -5.11
CA LYS A 161 9.75 29.54 -6.09
C LYS A 161 10.24 28.58 -7.17
N CYS A 162 10.60 27.36 -6.75
CA CYS A 162 11.03 26.31 -7.66
C CYS A 162 9.89 25.77 -8.57
N TYR A 163 8.67 25.65 -8.06
CA TYR A 163 7.59 25.16 -8.91
C TYR A 163 7.24 26.16 -10.00
N GLN A 164 7.39 27.45 -9.72
CA GLN A 164 7.10 28.49 -10.72
C GLN A 164 8.22 28.66 -11.75
N ASP A 165 9.46 28.48 -11.28
CA ASP A 165 10.62 28.52 -12.15
C ASP A 165 10.61 27.30 -13.10
N PRO A 166 10.43 27.56 -14.43
CA PRO A 166 10.34 26.50 -15.45
C PRO A 166 11.67 25.84 -15.73
N GLY A 167 12.75 26.41 -15.19
CA GLY A 167 14.07 25.81 -15.28
C GLY A 167 14.50 25.06 -14.04
N CYS A 168 13.66 25.06 -13.01
CA CYS A 168 13.84 24.24 -11.81
C CYS A 168 13.09 22.93 -12.01
N CYS A 169 13.78 21.81 -11.80
CA CYS A 169 13.06 20.56 -11.73
C CYS A 169 13.49 19.79 -10.51
N ASP A 170 13.30 20.40 -9.36
CA ASP A 170 13.69 19.80 -8.11
C ASP A 170 12.46 19.15 -7.53
N PHE A 171 12.64 17.98 -6.93
CA PHE A 171 11.50 17.25 -6.40
C PHE A 171 11.31 17.53 -4.91
N VAL A 172 11.15 18.80 -4.56
CA VAL A 172 10.91 19.22 -3.16
C VAL A 172 9.49 18.85 -2.70
N THR A 173 9.38 17.98 -1.72
CA THR A 173 8.08 17.39 -1.40
C THR A 173 7.69 17.73 0.04
N ASN A 174 6.39 17.75 0.32
CA ASN A 174 5.94 17.86 1.72
C ASN A 174 6.26 16.62 2.58
N ARG A 175 6.34 16.82 3.88
CA ARG A 175 6.73 15.71 4.75
C ARG A 175 5.82 14.49 4.64
N ALA A 176 4.53 14.74 4.41
CA ALA A 176 3.54 13.66 4.37
C ALA A 176 3.85 12.73 3.21
N TYR A 177 4.07 13.31 2.04
CA TYR A 177 4.44 12.55 0.85
C TYR A 177 5.80 11.85 1.02
N ALA A 178 6.77 12.57 1.56
CA ALA A 178 8.09 11.99 1.72
C ALA A 178 7.98 10.65 2.46
N ILE A 179 7.37 10.69 3.64
CA ILE A 179 7.19 9.49 4.46
C ILE A 179 6.28 8.45 3.76
N ALA A 180 5.07 8.88 3.37
CA ALA A 180 4.13 8.06 2.61
C ALA A 180 4.71 7.35 1.39
N SER A 181 5.26 8.11 0.46
CA SER A 181 5.75 7.47 -0.75
C SER A 181 6.92 6.54 -0.46
N SER A 182 7.78 6.91 0.48
CA SER A 182 8.86 6.05 0.90
C SER A 182 8.30 4.76 1.45
N ILE A 183 7.37 4.85 2.41
CA ILE A 183 6.76 3.65 2.99
C ILE A 183 6.02 2.78 1.94
N ILE A 184 5.24 3.44 1.10
CA ILE A 184 4.40 2.72 0.15
C ILE A 184 5.15 2.20 -1.06
N SER A 185 6.10 2.94 -1.57
CA SER A 185 6.74 2.43 -2.74
C SER A 185 8.00 1.60 -2.41
N PHE A 186 8.61 1.78 -1.24
CA PHE A 186 9.86 1.11 -0.94
C PHE A 186 9.88 0.29 0.36
N TYR A 187 9.58 0.91 1.50
CA TYR A 187 9.73 0.23 2.78
C TYR A 187 8.86 -1.03 2.95
N ILE A 188 7.60 -0.98 2.53
CA ILE A 188 6.73 -2.14 2.70
C ILE A 188 7.14 -3.32 1.81
N PRO A 189 7.35 -3.09 0.48
CA PRO A 189 7.86 -4.19 -0.34
C PRO A 189 9.27 -4.64 0.06
N LEU A 190 10.12 -3.71 0.52
CA LEU A 190 11.42 -4.10 1.07
C LEU A 190 11.25 -5.11 2.20
N LEU A 191 10.36 -4.84 3.16
CA LEU A 191 10.17 -5.76 4.30
C LEU A 191 9.68 -7.14 3.81
N ILE A 192 8.57 -7.14 3.05
CA ILE A 192 8.01 -8.33 2.43
C ILE A 192 9.08 -9.17 1.71
N MET A 193 9.87 -8.53 0.86
CA MET A 193 10.91 -9.22 0.12
C MET A 193 11.93 -9.87 1.06
N ILE A 194 12.47 -9.12 2.03
CA ILE A 194 13.39 -9.71 3.01
C ILE A 194 12.80 -10.94 3.75
N PHE A 195 11.68 -10.73 4.43
CA PHE A 195 10.97 -11.81 5.10
C PHE A 195 10.84 -13.04 4.19
N VAL A 196 10.28 -12.88 2.99
CA VAL A 196 10.13 -14.01 2.07
C VAL A 196 11.48 -14.61 1.66
N ALA A 197 12.47 -13.78 1.36
CA ALA A 197 13.80 -14.25 0.93
C ALA A 197 14.58 -14.98 2.02
N LEU A 198 14.28 -14.67 3.29
CA LEU A 198 14.80 -15.44 4.41
C LEU A 198 14.12 -16.80 4.58
N ARG A 199 12.81 -16.88 4.34
CA ARG A 199 12.14 -18.19 4.24
C ARG A 199 12.71 -19.03 3.10
N VAL A 200 13.03 -18.38 1.98
CA VAL A 200 13.56 -19.12 0.83
C VAL A 200 14.89 -19.74 1.24
N TYR A 201 15.71 -18.97 1.95
CA TYR A 201 17.03 -19.41 2.39
C TYR A 201 16.98 -20.58 3.35
N ARG A 202 16.18 -20.46 4.40
CA ARG A 202 15.85 -21.59 5.28
C ARG A 202 15.53 -22.88 4.52
N GLU A 203 14.42 -22.88 3.78
CA GLU A 203 13.92 -24.06 3.06
C GLU A 203 14.87 -24.61 2.01
N ALA A 204 15.89 -23.83 1.66
CA ALA A 204 16.92 -24.25 0.73
C ALA A 204 18.07 -24.93 1.48
N LYS A 205 18.24 -24.59 2.75
CA LYS A 205 19.30 -25.17 3.58
C LYS A 205 18.78 -26.42 4.32
N GLU A 206 17.47 -26.47 4.57
CA GLU A 206 16.77 -27.67 5.00
C GLU A 206 16.38 -28.53 3.79
N GLN A 207 17.19 -28.45 2.74
CA GLN A 207 17.06 -29.29 1.57
C GLN A 207 18.31 -30.11 1.40
N ILE A 208 19.47 -29.51 1.71
CA ILE A 208 20.78 -30.14 1.51
C ILE A 208 20.87 -31.56 2.11
N ARG A 209 20.39 -31.74 3.36
CA ARG A 209 20.45 -33.07 4.00
C ARG A 209 19.43 -34.09 3.46
N SER A 220 21.51 -35.83 -9.55
CA SER A 220 20.61 -35.42 -8.48
C SER A 220 21.22 -34.38 -7.53
N ARG A 221 22.20 -34.79 -6.71
CA ARG A 221 23.02 -33.85 -5.92
C ARG A 221 23.57 -32.67 -6.76
N VAL A 222 23.82 -32.92 -8.06
CA VAL A 222 24.25 -31.88 -9.02
C VAL A 222 23.07 -31.01 -9.51
N MET A 223 21.92 -31.65 -9.72
CA MET A 223 20.62 -31.02 -9.95
C MET A 223 20.29 -29.96 -8.89
N LEU A 224 20.71 -30.22 -7.65
CA LEU A 224 20.42 -29.35 -6.48
C LEU A 224 21.47 -28.26 -6.29
N MET A 225 22.68 -28.47 -6.81
CA MET A 225 23.74 -27.45 -6.76
C MET A 225 23.51 -26.36 -7.82
N ARG A 226 23.03 -26.80 -8.98
CA ARG A 226 22.67 -25.91 -10.08
C ARG A 226 21.51 -24.97 -9.70
N GLU A 227 20.50 -25.51 -9.02
CA GLU A 227 19.37 -24.71 -8.54
C GLU A 227 19.79 -23.71 -7.48
N HIS A 228 20.71 -24.12 -6.60
CA HIS A 228 21.21 -23.27 -5.51
C HIS A 228 22.16 -22.18 -5.98
N LYS A 229 22.86 -22.38 -7.09
CA LYS A 229 23.59 -21.26 -7.67
C LYS A 229 22.64 -20.23 -8.27
N ALA A 230 21.59 -20.72 -8.93
CA ALA A 230 20.56 -19.86 -9.52
C ALA A 230 19.84 -19.03 -8.44
N LEU A 231 19.46 -19.70 -7.36
CA LEU A 231 18.83 -19.03 -6.23
C LEU A 231 19.69 -17.92 -5.67
N LYS A 232 20.96 -18.21 -5.42
CA LYS A 232 21.91 -17.25 -4.87
C LYS A 232 22.06 -16.03 -5.82
N THR A 233 22.05 -16.28 -7.13
CA THR A 233 22.02 -15.19 -8.11
C THR A 233 20.86 -14.20 -7.86
N LEU A 234 19.62 -14.70 -7.86
CA LEU A 234 18.45 -13.92 -7.45
C LEU A 234 18.67 -13.24 -6.09
N GLY A 235 19.27 -13.96 -5.16
CA GLY A 235 19.67 -13.41 -3.88
C GLY A 235 20.49 -12.15 -4.07
N ILE A 236 21.48 -12.21 -4.94
CA ILE A 236 22.40 -11.08 -5.15
C ILE A 236 21.65 -9.91 -5.79
N ILE A 237 20.79 -10.20 -6.76
CA ILE A 237 19.92 -9.20 -7.36
C ILE A 237 19.24 -8.35 -6.28
N MET A 238 18.61 -9.04 -5.32
CA MET A 238 17.84 -8.41 -4.24
C MET A 238 18.68 -7.69 -3.25
N GLY A 239 19.85 -8.24 -2.95
CA GLY A 239 20.80 -7.62 -2.06
C GLY A 239 21.36 -6.34 -2.66
N VAL A 240 21.77 -6.40 -3.91
CA VAL A 240 22.43 -5.27 -4.53
C VAL A 240 21.44 -4.10 -4.69
N PHE A 241 20.21 -4.42 -5.07
CA PHE A 241 19.15 -3.43 -5.19
C PHE A 241 18.91 -2.72 -3.86
N THR A 242 18.83 -3.51 -2.80
CA THR A 242 18.69 -2.95 -1.47
C THR A 242 19.85 -1.98 -1.12
N LEU A 243 21.09 -2.40 -1.33
CA LEU A 243 22.22 -1.51 -1.07
C LEU A 243 22.23 -0.24 -1.95
N CYS A 244 21.73 -0.35 -3.17
CA CYS A 244 21.69 0.81 -4.05
C CYS A 244 20.62 1.83 -3.67
N TRP A 245 19.54 1.38 -3.04
CA TRP A 245 18.42 2.27 -2.71
C TRP A 245 18.17 2.57 -1.22
N LEU A 246 18.51 1.66 -0.33
CA LEU A 246 18.27 1.92 1.07
C LEU A 246 18.90 3.24 1.52
N PRO A 247 20.18 3.50 1.18
CA PRO A 247 20.76 4.78 1.66
C PRO A 247 19.95 6.00 1.23
N PHE A 248 19.47 6.03 0.00
CA PHE A 248 18.52 7.08 -0.37
C PHE A 248 17.25 7.16 0.51
N PHE A 249 16.63 6.01 0.79
CA PHE A 249 15.34 6.00 1.50
C PHE A 249 15.38 6.26 3.00
N LEU A 250 16.51 5.93 3.62
CA LEU A 250 16.79 6.35 4.98
C LEU A 250 16.98 7.87 4.98
N VAL A 251 17.82 8.35 4.07
CA VAL A 251 18.17 9.77 4.10
C VAL A 251 16.91 10.57 3.88
N ASN A 252 15.97 9.96 3.17
CA ASN A 252 14.71 10.61 2.84
C ASN A 252 13.82 10.79 4.07
N ILE A 253 13.70 9.75 4.89
CA ILE A 253 12.99 9.81 6.15
C ILE A 253 13.67 10.79 7.09
N VAL A 254 14.97 10.61 7.29
CA VAL A 254 15.79 11.51 8.11
C VAL A 254 15.61 12.99 7.77
N ASN A 255 15.63 13.38 6.49
CA ASN A 255 15.37 14.79 6.14
C ASN A 255 14.08 15.34 6.69
N VAL A 256 13.04 14.53 6.73
CA VAL A 256 11.77 14.97 7.28
C VAL A 256 11.93 15.51 8.74
N PHE A 257 12.86 14.91 9.49
CA PHE A 257 13.10 15.21 10.91
C PHE A 257 14.28 16.16 11.19
N ASN A 258 15.25 16.19 10.27
CA ASN A 258 16.45 17.03 10.41
C ASN A 258 17.21 17.18 9.09
N ARG A 259 17.08 18.34 8.47
CA ARG A 259 17.78 18.59 7.19
C ARG A 259 19.28 18.86 7.33
N ASP A 260 19.81 18.81 8.54
CA ASP A 260 21.19 19.19 8.73
C ASP A 260 22.03 17.97 9.08
N LEU A 261 21.38 16.92 9.54
CA LEU A 261 22.05 15.71 9.92
C LEU A 261 22.91 15.13 8.80
N VAL A 262 22.39 15.13 7.57
CA VAL A 262 23.08 14.53 6.43
C VAL A 262 23.29 15.59 5.36
N PRO A 263 24.55 15.77 4.85
CA PRO A 263 24.87 16.83 3.88
C PRO A 263 24.10 16.67 2.59
N ASP A 264 23.78 17.79 1.94
CA ASP A 264 23.01 17.70 0.71
C ASP A 264 23.68 16.88 -0.41
N TRP A 265 24.97 17.09 -0.66
CA TRP A 265 25.69 16.39 -1.74
C TRP A 265 25.51 14.86 -1.61
N LEU A 266 25.53 14.37 -0.36
CA LEU A 266 25.35 12.95 -0.11
C LEU A 266 23.93 12.46 -0.43
N PHE A 267 22.91 13.30 -0.19
CA PHE A 267 21.53 13.02 -0.62
C PHE A 267 21.37 12.89 -2.14
N VAL A 268 21.98 13.79 -2.90
CA VAL A 268 22.04 13.65 -4.36
C VAL A 268 22.75 12.35 -4.81
N ALA A 269 23.89 12.06 -4.15
CA ALA A 269 24.74 10.90 -4.44
C ALA A 269 23.92 9.61 -4.35
N PHE A 270 23.35 9.36 -3.16
CA PHE A 270 22.48 8.20 -2.93
C PHE A 270 21.36 8.04 -3.95
N ASN A 271 20.87 9.14 -4.51
CA ASN A 271 19.89 8.99 -5.55
C ASN A 271 20.52 8.43 -6.82
N TRP A 272 21.71 8.92 -7.19
CA TRP A 272 22.41 8.43 -8.38
C TRP A 272 22.85 6.98 -8.23
N LEU A 273 23.23 6.62 -7.01
CA LEU A 273 23.51 5.22 -6.72
C LEU A 273 22.25 4.42 -7.06
N GLY A 274 21.07 4.98 -6.76
CA GLY A 274 19.80 4.36 -7.11
C GLY A 274 19.74 4.09 -8.60
N TYR A 275 19.97 5.12 -9.41
CA TYR A 275 19.95 4.95 -10.86
C TYR A 275 21.00 3.95 -11.36
N ALA A 276 22.13 3.91 -10.66
CA ALA A 276 23.25 3.07 -11.07
C ALA A 276 22.86 1.58 -11.06
N ASN A 277 21.87 1.26 -10.25
CA ASN A 277 21.50 -0.13 -10.05
C ASN A 277 20.99 -0.82 -11.33
N SER A 278 20.45 -0.02 -12.27
CA SER A 278 19.93 -0.53 -13.54
C SER A 278 20.99 -1.04 -14.48
N ALA A 279 22.24 -0.72 -14.15
CA ALA A 279 23.41 -1.16 -14.92
C ALA A 279 23.87 -2.53 -14.45
N MET A 280 23.55 -2.88 -13.20
CA MET A 280 24.17 -4.01 -12.51
C MET A 280 23.64 -5.41 -12.82
N ASN A 281 22.33 -5.56 -12.96
CA ASN A 281 21.74 -6.89 -13.17
C ASN A 281 22.32 -7.69 -14.34
N PRO A 282 22.52 -7.04 -15.50
CA PRO A 282 23.10 -7.82 -16.60
C PRO A 282 24.50 -8.34 -16.27
N ILE A 283 25.30 -7.57 -15.54
CA ILE A 283 26.61 -8.08 -15.12
C ILE A 283 26.44 -9.28 -14.20
N ILE A 284 25.57 -9.15 -13.21
CA ILE A 284 25.37 -10.21 -12.25
C ILE A 284 24.83 -11.50 -12.92
N TYR A 285 24.05 -11.36 -13.99
CA TYR A 285 23.54 -12.55 -14.70
C TYR A 285 24.62 -13.37 -15.41
N CYS A 286 25.85 -12.85 -15.42
CA CYS A 286 26.98 -13.55 -16.01
C CYS A 286 27.45 -14.74 -15.17
N ARG A 287 27.00 -14.81 -13.93
CA ARG A 287 27.24 -15.98 -13.09
C ARG A 287 26.67 -17.24 -13.72
N SER A 288 25.62 -17.06 -14.51
CA SER A 288 24.90 -18.17 -15.14
C SER A 288 25.48 -18.54 -16.52
N PRO A 289 25.94 -19.80 -16.65
CA PRO A 289 26.44 -20.36 -17.92
C PRO A 289 25.57 -20.03 -19.16
N ASP A 290 24.25 -20.28 -19.05
CA ASP A 290 23.29 -20.08 -20.16
C ASP A 290 23.20 -18.64 -20.67
N PHE A 291 23.18 -17.68 -19.73
CA PHE A 291 23.14 -16.24 -20.06
C PHE A 291 24.42 -15.86 -20.77
N ARG A 292 25.54 -16.29 -20.20
CA ARG A 292 26.86 -16.00 -20.75
C ARG A 292 26.97 -16.47 -22.20
N LYS A 293 26.56 -17.72 -22.47
CA LYS A 293 26.54 -18.28 -23.83
C LYS A 293 25.55 -17.61 -24.80
N ALA A 294 24.50 -17.02 -24.24
CA ALA A 294 23.52 -16.29 -25.03
C ALA A 294 24.03 -14.88 -25.32
N PHE A 295 24.81 -14.34 -24.37
CA PHE A 295 25.45 -13.03 -24.51
C PHE A 295 26.52 -13.06 -25.57
N LYS A 296 27.31 -14.14 -25.62
CA LYS A 296 28.29 -14.32 -26.70
C LYS A 296 27.63 -14.46 -28.07
N ARG A 297 26.63 -15.35 -28.18
CA ARG A 297 25.78 -15.47 -29.38
C ARG A 297 25.38 -14.12 -29.98
N LEU A 298 24.62 -13.34 -29.21
CA LEU A 298 23.99 -12.11 -29.67
C LEU A 298 24.99 -11.06 -30.12
N LEU A 299 25.92 -10.71 -29.24
CA LEU A 299 26.98 -9.76 -29.55
C LEU A 299 27.83 -10.18 -30.77
N ALA A 300 27.67 -11.43 -31.22
CA ALA A 300 28.50 -12.02 -32.28
C ALA A 300 30.00 -11.74 -32.06
N ALA B 3 -47.24 -16.45 -3.58
CA ALA B 3 -45.92 -16.04 -4.16
C ALA B 3 -45.71 -14.53 -4.10
N GLU B 4 -46.71 -13.77 -4.56
CA GLU B 4 -46.69 -12.31 -4.46
C GLU B 4 -46.88 -11.84 -3.02
N LEU B 5 -47.39 -12.74 -2.17
CA LEU B 5 -47.60 -12.44 -0.76
C LEU B 5 -46.29 -12.61 -0.03
N LEU B 6 -45.60 -13.70 -0.37
CA LEU B 6 -44.30 -14.05 0.21
C LEU B 6 -43.26 -12.98 -0.09
N SER B 7 -43.38 -12.38 -1.28
CA SER B 7 -42.55 -11.27 -1.70
C SER B 7 -42.84 -9.94 -0.97
N GLN B 8 -44.12 -9.56 -0.84
CA GLN B 8 -44.53 -8.38 -0.06
C GLN B 8 -44.14 -8.47 1.42
N GLN B 9 -44.25 -9.66 2.00
CA GLN B 9 -43.91 -9.88 3.41
C GLN B 9 -42.43 -9.65 3.59
N TRP B 10 -41.65 -10.44 2.86
CA TRP B 10 -40.19 -10.30 2.83
C TRP B 10 -39.72 -8.87 2.49
N GLU B 11 -40.25 -8.28 1.42
CA GLU B 11 -39.85 -6.94 1.10
C GLU B 11 -40.00 -5.95 2.23
N ALA B 12 -41.17 -5.93 2.86
CA ALA B 12 -41.46 -4.95 3.91
C ALA B 12 -40.73 -5.19 5.24
N GLY B 13 -40.56 -6.45 5.64
CA GLY B 13 -39.80 -6.77 6.85
C GLY B 13 -38.31 -6.48 6.71
N MET B 14 -37.84 -6.57 5.47
CA MET B 14 -36.44 -6.36 5.14
C MET B 14 -36.16 -4.88 5.07
N SER B 15 -37.08 -4.13 4.47
CA SER B 15 -36.94 -2.69 4.40
C SER B 15 -36.89 -2.10 5.80
N LEU B 16 -37.56 -2.77 6.73
CA LEU B 16 -37.65 -2.31 8.09
C LEU B 16 -36.35 -2.55 8.82
N LEU B 17 -35.90 -3.81 8.86
CA LEU B 17 -34.59 -4.18 9.41
C LEU B 17 -33.52 -3.24 8.85
N MET B 18 -33.55 -3.07 7.53
CA MET B 18 -32.67 -2.16 6.86
C MET B 18 -32.79 -0.72 7.39
N ALA B 19 -34.00 -0.16 7.46
CA ALA B 19 -34.16 1.20 7.98
C ALA B 19 -33.57 1.32 9.40
N LEU B 20 -33.71 0.26 10.18
CA LEU B 20 -33.19 0.22 11.54
C LEU B 20 -31.64 0.35 11.59
N VAL B 21 -30.94 -0.48 10.80
CA VAL B 21 -29.48 -0.45 10.77
C VAL B 21 -29.00 0.91 10.29
N VAL B 22 -29.70 1.51 9.32
CA VAL B 22 -29.31 2.83 8.81
C VAL B 22 -29.38 3.83 9.95
N LEU B 23 -30.47 3.75 10.71
CA LEU B 23 -30.75 4.68 11.79
C LEU B 23 -29.75 4.50 12.91
N LEU B 24 -29.51 3.25 13.28
CA LEU B 24 -28.52 2.93 14.32
C LEU B 24 -27.11 3.43 13.96
N ILE B 25 -26.68 3.24 12.72
CA ILE B 25 -25.39 3.74 12.25
C ILE B 25 -25.31 5.30 12.26
N VAL B 26 -26.29 5.96 11.65
CA VAL B 26 -26.28 7.43 11.56
C VAL B 26 -26.42 8.07 12.95
N ALA B 27 -27.39 7.60 13.73
CA ALA B 27 -27.62 8.14 15.08
C ALA B 27 -26.34 8.02 15.90
N GLY B 28 -25.87 6.79 16.05
CA GLY B 28 -24.68 6.46 16.85
C GLY B 28 -23.48 7.30 16.49
N ASN B 29 -23.22 7.43 15.20
CA ASN B 29 -22.02 8.12 14.73
C ASN B 29 -22.09 9.65 14.79
N VAL B 30 -23.26 10.21 14.45
CA VAL B 30 -23.54 11.65 14.61
C VAL B 30 -23.33 11.99 16.11
N LEU B 31 -23.82 11.11 16.99
CA LEU B 31 -23.62 11.31 18.42
C LEU B 31 -22.14 11.43 18.76
N VAL B 32 -21.35 10.47 18.29
CA VAL B 32 -19.91 10.51 18.51
C VAL B 32 -19.26 11.80 18.02
N ILE B 33 -19.58 12.21 16.78
CA ILE B 33 -19.00 13.43 16.20
C ILE B 33 -19.41 14.64 17.01
N ALA B 34 -20.70 14.74 17.34
CA ALA B 34 -21.21 15.84 18.18
C ALA B 34 -20.63 15.87 19.60
N ALA B 35 -20.55 14.70 20.24
CA ALA B 35 -19.91 14.54 21.56
C ALA B 35 -18.49 15.12 21.62
N ILE B 36 -17.58 14.53 20.84
CA ILE B 36 -16.20 15.01 20.69
C ILE B 36 -16.20 16.50 20.42
N GLY B 37 -17.13 16.97 19.60
CA GLY B 37 -17.13 18.35 19.12
C GLY B 37 -17.56 19.41 20.12
N SER B 38 -18.01 19.02 21.32
CA SER B 38 -18.63 19.97 22.25
C SER B 38 -18.38 19.66 23.72
N THR B 39 -17.55 18.65 23.97
CA THR B 39 -17.15 18.28 25.32
C THR B 39 -15.66 18.48 25.33
N GLN B 40 -15.19 19.54 25.97
CA GLN B 40 -13.78 19.88 25.88
C GLN B 40 -12.92 19.00 26.78
N ARG B 41 -13.48 17.88 27.21
CA ARG B 41 -12.75 16.83 27.91
C ARG B 41 -12.42 15.68 26.93
N LEU B 42 -13.21 15.57 25.86
CA LEU B 42 -12.97 14.54 24.85
C LEU B 42 -12.17 15.10 23.68
N GLN B 43 -11.68 16.34 23.81
CA GLN B 43 -10.96 16.99 22.72
C GLN B 43 -9.46 16.70 22.67
N THR B 44 -9.14 15.41 22.64
CA THR B 44 -7.77 14.92 22.53
C THR B 44 -7.30 14.88 21.05
N LEU B 45 -6.01 14.67 20.82
CA LEU B 45 -5.57 14.45 19.45
C LEU B 45 -6.11 13.12 18.97
N THR B 46 -6.03 12.10 19.83
CA THR B 46 -6.51 10.75 19.52
C THR B 46 -7.97 10.78 19.01
N ASN B 47 -8.76 11.70 19.56
CA ASN B 47 -10.18 11.75 19.24
C ASN B 47 -10.48 12.36 17.90
N LEU B 48 -9.54 13.14 17.39
CA LEU B 48 -9.58 13.55 15.98
C LEU B 48 -9.61 12.32 15.06
N PHE B 49 -8.79 11.33 15.36
CA PHE B 49 -8.74 10.12 14.55
C PHE B 49 -10.07 9.35 14.69
N ILE B 50 -10.62 9.36 15.90
CA ILE B 50 -11.93 8.77 16.19
C ILE B 50 -13.03 9.45 15.35
N THR B 51 -12.99 10.77 15.32
CA THR B 51 -13.86 11.56 14.45
C THR B 51 -13.74 11.11 13.01
N SER B 52 -12.51 10.97 12.53
CA SER B 52 -12.27 10.47 11.17
C SER B 52 -12.91 9.10 10.93
N LEU B 53 -12.65 8.18 11.84
CA LEU B 53 -13.19 6.82 11.80
C LEU B 53 -14.73 6.84 11.84
N ALA B 54 -15.30 7.79 12.58
CA ALA B 54 -16.75 7.94 12.67
C ALA B 54 -17.34 8.50 11.37
N CYS B 55 -16.59 9.37 10.69
CA CYS B 55 -16.94 9.81 9.35
C CYS B 55 -17.02 8.73 8.30
N ALA B 56 -16.10 7.76 8.38
CA ALA B 56 -16.13 6.64 7.45
C ALA B 56 -17.37 5.83 7.73
N ASP B 57 -17.70 5.67 9.02
CA ASP B 57 -18.88 4.89 9.41
C ASP B 57 -20.13 5.65 9.00
N LEU B 58 -20.06 6.97 9.09
CA LEU B 58 -21.17 7.81 8.64
C LEU B 58 -21.47 7.64 7.17
N VAL B 59 -20.45 7.60 6.32
CA VAL B 59 -20.62 7.41 4.88
C VAL B 59 -21.27 6.04 4.59
N VAL B 60 -20.78 5.00 5.24
CA VAL B 60 -21.44 3.69 5.18
C VAL B 60 -22.95 3.79 5.50
N GLY B 61 -23.28 4.64 6.48
CA GLY B 61 -24.66 4.86 6.91
C GLY B 61 -25.53 5.60 5.91
N LEU B 62 -25.06 6.75 5.46
CA LEU B 62 -25.79 7.57 4.52
C LEU B 62 -25.81 6.97 3.12
N LEU B 63 -24.68 6.49 2.61
CA LEU B 63 -24.61 6.07 1.20
C LEU B 63 -24.52 4.55 0.94
N VAL B 64 -23.56 3.87 1.55
CA VAL B 64 -23.29 2.48 1.21
C VAL B 64 -24.49 1.61 1.50
N VAL B 65 -24.92 1.61 2.76
CA VAL B 65 -26.02 0.75 3.23
C VAL B 65 -27.41 1.04 2.56
N PRO B 66 -27.85 2.32 2.53
CA PRO B 66 -29.07 2.56 1.78
C PRO B 66 -29.05 1.93 0.39
N PHE B 67 -28.00 2.16 -0.38
CA PHE B 67 -27.95 1.66 -1.75
C PHE B 67 -27.93 0.14 -1.85
N GLY B 68 -27.18 -0.50 -0.96
CA GLY B 68 -27.16 -1.96 -0.94
C GLY B 68 -28.45 -2.55 -0.39
N ALA B 69 -29.16 -1.77 0.41
CA ALA B 69 -30.45 -2.16 0.93
C ALA B 69 -31.44 -2.29 -0.24
N THR B 70 -31.60 -1.21 -1.02
CA THR B 70 -32.49 -1.24 -2.18
C THR B 70 -32.19 -2.46 -3.07
N LEU B 71 -30.94 -2.85 -3.14
CA LEU B 71 -30.53 -4.02 -3.90
C LEU B 71 -31.00 -5.32 -3.23
N VAL B 72 -30.72 -5.45 -1.95
CA VAL B 72 -31.12 -6.62 -1.18
C VAL B 72 -32.66 -6.75 -1.15
N VAL B 73 -33.36 -5.63 -1.00
CA VAL B 73 -34.82 -5.62 -0.93
C VAL B 73 -35.50 -5.89 -2.29
N ARG B 74 -35.16 -5.09 -3.31
CA ARG B 74 -35.85 -5.16 -4.60
C ARG B 74 -35.32 -6.30 -5.50
N GLY B 75 -34.15 -6.82 -5.20
CA GLY B 75 -33.50 -7.82 -6.06
C GLY B 75 -32.81 -7.33 -7.34
N THR B 76 -32.74 -6.02 -7.56
CA THR B 76 -32.06 -5.43 -8.75
C THR B 76 -31.42 -4.06 -8.46
N TRP B 77 -30.47 -3.68 -9.30
CA TRP B 77 -29.90 -2.35 -9.23
C TRP B 77 -30.79 -1.33 -9.98
N LEU B 78 -31.43 -0.42 -9.25
CA LEU B 78 -32.36 0.50 -9.89
C LEU B 78 -31.69 1.77 -10.40
N TRP B 79 -30.41 1.96 -10.09
CA TRP B 79 -29.85 3.32 -10.12
C TRP B 79 -28.91 3.59 -11.28
N GLY B 80 -28.78 2.64 -12.18
CA GLY B 80 -27.93 2.84 -13.35
C GLY B 80 -26.45 2.58 -13.13
N SER B 81 -25.72 2.55 -14.23
CA SER B 81 -24.30 2.12 -14.24
C SER B 81 -23.29 3.01 -13.54
N PHE B 82 -23.44 4.32 -13.68
CA PHE B 82 -22.49 5.21 -13.03
C PHE B 82 -22.57 5.12 -11.52
N LEU B 83 -23.78 5.22 -10.97
CA LEU B 83 -23.99 5.04 -9.53
C LEU B 83 -23.55 3.65 -9.01
N CYS B 84 -23.61 2.63 -9.83
CA CYS B 84 -23.16 1.34 -9.36
C CYS B 84 -21.65 1.42 -9.11
N GLU B 85 -20.94 2.05 -10.05
CA GLU B 85 -19.51 2.22 -9.92
C GLU B 85 -19.13 3.12 -8.75
N LEU B 86 -19.82 4.25 -8.60
CA LEU B 86 -19.66 5.10 -7.42
C LEU B 86 -19.97 4.39 -6.09
N TRP B 87 -21.06 3.64 -6.05
CA TRP B 87 -21.43 2.92 -4.85
C TRP B 87 -20.33 1.92 -4.52
N THR B 88 -19.94 1.10 -5.49
CA THR B 88 -18.81 0.15 -5.32
C THR B 88 -17.50 0.81 -4.78
N SER B 89 -17.17 1.99 -5.31
CA SER B 89 -16.01 2.75 -4.87
C SER B 89 -16.14 3.19 -3.43
N LEU B 90 -17.24 3.84 -3.09
CA LEU B 90 -17.46 4.30 -1.72
C LEU B 90 -17.37 3.13 -0.76
N ASP B 91 -17.91 2.00 -1.17
CA ASP B 91 -17.77 0.78 -0.38
C ASP B 91 -16.32 0.43 -0.10
N VAL B 92 -15.53 0.25 -1.15
CA VAL B 92 -14.10 0.00 -0.98
C VAL B 92 -13.38 1.09 -0.21
N LEU B 93 -13.71 2.37 -0.47
CA LEU B 93 -13.00 3.48 0.16
C LEU B 93 -13.09 3.37 1.67
N CYS B 94 -14.31 3.15 2.16
CA CYS B 94 -14.59 3.17 3.59
C CYS B 94 -13.88 2.09 4.41
N VAL B 95 -13.80 0.87 3.89
CA VAL B 95 -13.15 -0.21 4.63
C VAL B 95 -11.69 0.17 4.71
N THR B 96 -11.13 0.51 3.55
CA THR B 96 -9.74 0.95 3.42
C THR B 96 -9.39 2.10 4.38
N ALA B 97 -10.21 3.15 4.40
CA ALA B 97 -9.99 4.28 5.31
C ALA B 97 -10.12 3.91 6.79
N SER B 98 -11.06 3.03 7.12
CA SER B 98 -11.24 2.59 8.49
C SER B 98 -9.98 1.89 9.01
N ILE B 99 -9.58 0.82 8.34
CA ILE B 99 -8.43 0.03 8.78
C ILE B 99 -7.12 0.87 8.83
N GLU B 100 -6.95 1.81 7.90
CA GLU B 100 -5.76 2.66 7.90
C GLU B 100 -5.76 3.62 9.09
N THR B 101 -6.92 4.20 9.39
CA THR B 101 -7.12 5.03 10.58
C THR B 101 -6.87 4.23 11.87
N LEU B 102 -7.27 2.96 11.88
CA LEU B 102 -6.99 2.08 13.01
C LEU B 102 -5.49 1.91 13.27
N CYS B 103 -4.72 1.62 12.21
CA CYS B 103 -3.27 1.66 12.26
C CYS B 103 -2.71 2.95 12.81
N VAL B 104 -3.21 4.08 12.30
CA VAL B 104 -2.75 5.38 12.75
C VAL B 104 -2.98 5.51 14.25
N ILE B 105 -4.19 5.19 14.70
CA ILE B 105 -4.51 5.20 16.14
C ILE B 105 -3.54 4.34 16.94
N ALA B 106 -3.33 3.09 16.50
CA ALA B 106 -2.39 2.20 17.19
C ALA B 106 -0.99 2.82 17.24
N ILE B 107 -0.57 3.49 16.16
CA ILE B 107 0.76 4.11 16.12
C ILE B 107 0.82 5.29 17.08
N ASP B 108 -0.22 6.10 17.08
CA ASP B 108 -0.33 7.26 17.96
C ASP B 108 -0.17 6.81 19.42
N ARG B 109 -0.74 5.67 19.77
CA ARG B 109 -0.72 5.20 21.14
C ARG B 109 0.62 4.63 21.51
N TYR B 110 1.22 3.86 20.60
CA TYR B 110 2.56 3.35 20.80
C TYR B 110 3.47 4.54 21.08
N LEU B 111 3.34 5.56 20.23
CA LEU B 111 4.19 6.73 20.32
C LEU B 111 4.07 7.46 21.66
N ALA B 112 2.84 7.70 22.09
CA ALA B 112 2.56 8.42 23.34
C ALA B 112 2.91 7.61 24.57
N ILE B 113 2.87 6.29 24.45
CA ILE B 113 3.23 5.43 25.58
C ILE B 113 4.75 5.25 25.75
N THR B 114 5.52 5.31 24.66
CA THR B 114 6.94 5.04 24.76
C THR B 114 7.74 6.31 24.83
N SER B 115 7.17 7.39 24.31
CA SER B 115 7.89 8.63 24.32
C SER B 115 6.97 9.82 24.51
N PRO B 116 6.35 9.95 25.71
CA PRO B 116 5.38 10.97 26.07
C PRO B 116 5.86 12.40 25.88
N PHE B 117 7.19 12.59 25.89
CA PHE B 117 7.76 13.93 25.83
C PHE B 117 8.01 14.37 24.42
N ARG B 118 8.64 13.49 23.64
CA ARG B 118 8.77 13.69 22.22
C ARG B 118 7.36 13.81 21.59
N TYR B 119 6.43 12.97 22.06
CA TYR B 119 5.05 12.96 21.57
C TYR B 119 4.30 14.29 21.79
N GLN B 120 4.51 14.93 22.93
CA GLN B 120 3.84 16.19 23.23
C GLN B 120 4.14 17.29 22.21
N SER B 121 5.42 17.47 21.88
CA SER B 121 5.80 18.53 20.97
C SER B 121 5.70 18.12 19.49
N LEU B 122 5.79 16.83 19.19
CA LEU B 122 5.63 16.37 17.81
C LEU B 122 4.19 16.27 17.34
N MET B 123 3.33 15.69 18.18
CA MET B 123 1.91 15.58 17.87
C MET B 123 1.17 16.86 18.16
N THR B 124 0.79 17.55 17.08
CA THR B 124 0.01 18.78 17.17
C THR B 124 -1.31 18.58 16.42
N ARG B 125 -2.23 19.52 16.59
CA ARG B 125 -3.50 19.51 15.87
C ARG B 125 -3.30 19.64 14.38
N ALA B 126 -2.38 20.52 13.99
CA ALA B 126 -2.08 20.75 12.56
C ALA B 126 -1.56 19.47 11.90
N ARG B 127 -0.65 18.78 12.60
CA ARG B 127 -0.13 17.53 12.11
C ARG B 127 -1.13 16.40 12.13
N ALA B 128 -1.97 16.33 13.18
CA ALA B 128 -3.04 15.33 13.27
C ALA B 128 -4.00 15.40 12.08
N LYS B 129 -4.30 16.61 11.60
CA LYS B 129 -5.11 16.77 10.39
C LYS B 129 -4.38 16.37 9.10
N VAL B 130 -3.07 16.57 9.05
CA VAL B 130 -2.31 16.10 7.89
C VAL B 130 -2.41 14.57 7.83
N ILE B 131 -2.21 13.92 8.97
CA ILE B 131 -2.34 12.47 9.05
C ILE B 131 -3.70 12.00 8.55
N ILE B 132 -4.78 12.59 9.09
CA ILE B 132 -6.12 12.21 8.65
C ILE B 132 -6.29 12.33 7.13
N CYS B 133 -5.95 13.49 6.58
CA CYS B 133 -6.02 13.70 5.12
C CYS B 133 -5.21 12.71 4.28
N THR B 134 -4.00 12.38 4.75
CA THR B 134 -3.10 11.50 4.02
C THR B 134 -3.73 10.10 3.95
N VAL B 135 -4.31 9.65 5.07
CA VAL B 135 -5.09 8.43 5.10
C VAL B 135 -6.20 8.49 4.04
N TRP B 136 -7.08 9.49 4.12
CA TRP B 136 -8.09 9.57 3.10
C TRP B 136 -7.54 9.65 1.66
N ALA B 137 -6.44 10.37 1.45
CA ALA B 137 -5.86 10.47 0.10
C ALA B 137 -5.39 9.10 -0.42
N ILE B 138 -4.60 8.37 0.37
CA ILE B 138 -4.13 7.04 0.04
C ILE B 138 -5.30 6.07 -0.13
N SER B 139 -6.29 6.17 0.74
CA SER B 139 -7.48 5.35 0.62
C SER B 139 -8.26 5.58 -0.70
N ALA B 140 -8.42 6.84 -1.09
CA ALA B 140 -9.07 7.16 -2.35
C ALA B 140 -8.28 6.64 -3.55
N LEU B 141 -6.96 6.77 -3.45
CA LEU B 141 -6.07 6.44 -4.53
C LEU B 141 -6.23 4.98 -4.84
N VAL B 142 -6.22 4.19 -3.78
CA VAL B 142 -6.25 2.75 -3.86
C VAL B 142 -7.64 2.20 -4.19
N SER B 143 -8.69 2.94 -3.88
CA SER B 143 -10.03 2.41 -4.12
C SER B 143 -10.73 2.91 -5.41
N PHE B 144 -10.73 4.22 -5.62
CA PHE B 144 -11.44 4.84 -6.76
C PHE B 144 -10.84 4.52 -8.12
N LEU B 145 -9.56 4.83 -8.26
CA LEU B 145 -8.92 4.77 -9.56
C LEU B 145 -9.05 3.38 -10.23
N PRO B 146 -8.69 2.28 -9.50
CA PRO B 146 -8.82 1.00 -10.19
C PRO B 146 -10.26 0.66 -10.56
N ILE B 147 -11.25 1.20 -9.86
CA ILE B 147 -12.59 0.76 -10.14
C ILE B 147 -13.19 1.44 -11.38
N MET B 148 -12.96 2.75 -11.47
CA MET B 148 -13.30 3.55 -12.63
C MET B 148 -12.50 3.08 -13.89
N MET B 149 -11.22 2.71 -13.71
CA MET B 149 -10.42 2.10 -14.78
C MET B 149 -10.84 0.69 -15.22
N HIS B 150 -11.80 0.09 -14.51
CA HIS B 150 -12.31 -1.25 -14.85
C HIS B 150 -11.34 -2.41 -14.64
N TRP B 151 -10.30 -2.16 -13.85
CA TRP B 151 -9.21 -3.11 -13.61
C TRP B 151 -9.69 -4.37 -12.94
N TRP B 152 -10.92 -4.29 -12.44
CA TRP B 152 -11.57 -5.33 -11.66
C TRP B 152 -12.42 -6.28 -12.49
N ARG B 153 -12.70 -5.92 -13.73
CA ARG B 153 -13.52 -6.77 -14.58
C ARG B 153 -12.85 -8.07 -15.02
N ASP B 154 -13.67 -9.11 -15.15
CA ASP B 154 -13.18 -10.41 -15.66
C ASP B 154 -13.68 -10.77 -17.07
N GLU B 155 -13.00 -11.69 -17.74
CA GLU B 155 -13.40 -12.11 -19.10
C GLU B 155 -14.40 -13.27 -19.20
N ASP B 156 -14.26 -14.24 -18.30
CA ASP B 156 -15.35 -15.11 -17.83
C ASP B 156 -16.72 -14.75 -18.42
N PRO B 157 -17.36 -15.72 -19.11
CA PRO B 157 -18.71 -15.59 -19.72
C PRO B 157 -19.77 -15.08 -18.75
N GLN B 158 -19.80 -15.66 -17.56
CA GLN B 158 -20.79 -15.28 -16.56
C GLN B 158 -20.61 -13.85 -16.03
N ALA B 159 -19.36 -13.42 -15.92
CA ALA B 159 -19.05 -12.04 -15.55
C ALA B 159 -19.60 -11.10 -16.60
N LEU B 160 -19.37 -11.45 -17.87
CA LEU B 160 -19.76 -10.63 -19.01
C LEU B 160 -21.27 -10.44 -19.08
N LYS B 161 -22.02 -11.50 -18.80
CA LYS B 161 -23.47 -11.39 -18.70
C LYS B 161 -23.86 -10.32 -17.68
N CYS B 162 -23.21 -10.33 -16.52
CA CYS B 162 -23.47 -9.33 -15.48
C CYS B 162 -23.00 -7.91 -15.85
N TYR B 163 -22.02 -7.80 -16.73
CA TYR B 163 -21.57 -6.47 -17.15
C TYR B 163 -22.55 -5.85 -18.15
N GLN B 164 -23.33 -6.68 -18.82
CA GLN B 164 -24.30 -6.18 -19.81
C GLN B 164 -25.74 -6.35 -19.40
N ASP B 165 -25.97 -6.22 -18.10
CA ASP B 165 -27.27 -6.25 -17.49
C ASP B 165 -27.26 -5.06 -16.55
N PRO B 166 -28.09 -4.03 -16.85
CA PRO B 166 -27.97 -2.76 -16.12
C PRO B 166 -28.51 -2.83 -14.71
N GLY B 167 -29.16 -3.96 -14.38
CA GLY B 167 -29.70 -4.22 -13.05
C GLY B 167 -28.87 -5.18 -12.22
N CYS B 168 -27.70 -5.58 -12.78
CA CYS B 168 -26.67 -6.31 -12.05
C CYS B 168 -25.71 -5.28 -11.49
N CYS B 169 -25.49 -5.33 -10.18
CA CYS B 169 -24.40 -4.57 -9.58
C CYS B 169 -23.69 -5.48 -8.61
N ASP B 170 -23.37 -6.67 -9.10
CA ASP B 170 -22.57 -7.63 -8.38
C ASP B 170 -21.14 -7.26 -8.65
N PHE B 171 -20.31 -7.43 -7.63
CA PHE B 171 -18.90 -7.19 -7.75
C PHE B 171 -18.30 -8.52 -8.18
N VAL B 172 -18.36 -8.81 -9.47
CA VAL B 172 -17.71 -10.00 -10.03
C VAL B 172 -16.36 -9.55 -10.54
N THR B 173 -15.29 -9.98 -9.87
CA THR B 173 -13.96 -9.44 -10.18
C THR B 173 -13.05 -10.51 -10.72
N ASN B 174 -11.96 -10.10 -11.35
CA ASN B 174 -10.96 -11.04 -11.78
C ASN B 174 -10.13 -11.41 -10.57
N ARG B 175 -9.31 -12.44 -10.72
CA ARG B 175 -8.54 -12.95 -9.60
C ARG B 175 -7.46 -12.01 -9.16
N ALA B 176 -6.80 -11.34 -10.13
CA ALA B 176 -5.74 -10.37 -9.82
C ALA B 176 -6.24 -9.33 -8.82
N TYR B 177 -7.38 -8.73 -9.13
CA TYR B 177 -7.93 -7.64 -8.35
C TYR B 177 -8.41 -8.11 -6.97
N ALA B 178 -9.05 -9.28 -6.95
CA ALA B 178 -9.51 -9.88 -5.72
C ALA B 178 -8.34 -9.99 -4.76
N ILE B 179 -7.27 -10.65 -5.20
CA ILE B 179 -6.08 -10.80 -4.35
C ILE B 179 -5.46 -9.45 -4.02
N ALA B 180 -5.18 -8.66 -5.06
CA ALA B 180 -4.49 -7.39 -4.89
C ALA B 180 -5.25 -6.44 -3.97
N SER B 181 -6.54 -6.26 -4.18
CA SER B 181 -7.28 -5.28 -3.39
C SER B 181 -7.47 -5.76 -1.96
N SER B 182 -7.69 -7.08 -1.79
CA SER B 182 -7.68 -7.66 -0.44
C SER B 182 -6.34 -7.44 0.31
N ILE B 183 -5.20 -7.78 -0.31
CA ILE B 183 -3.88 -7.52 0.28
C ILE B 183 -3.64 -6.02 0.57
N ILE B 184 -3.91 -5.17 -0.43
CA ILE B 184 -3.58 -3.74 -0.33
C ILE B 184 -4.53 -2.98 0.60
N SER B 185 -5.81 -3.29 0.55
CA SER B 185 -6.70 -2.49 1.36
C SER B 185 -7.00 -3.11 2.73
N PHE B 186 -6.72 -4.39 2.90
CA PHE B 186 -7.02 -5.04 4.17
C PHE B 186 -5.85 -5.82 4.84
N TYR B 187 -5.26 -6.77 4.14
CA TYR B 187 -4.29 -7.63 4.81
C TYR B 187 -3.01 -6.95 5.34
N ILE B 188 -2.43 -6.04 4.56
CA ILE B 188 -1.21 -5.34 4.98
C ILE B 188 -1.52 -4.40 6.15
N PRO B 189 -2.57 -3.57 6.05
CA PRO B 189 -2.85 -2.78 7.24
C PRO B 189 -3.24 -3.62 8.46
N LEU B 190 -3.85 -4.79 8.25
CA LEU B 190 -4.15 -5.70 9.36
C LEU B 190 -2.90 -6.21 10.06
N LEU B 191 -1.91 -6.63 9.27
CA LEU B 191 -0.61 -7.08 9.80
C LEU B 191 0.04 -5.96 10.62
N ILE B 192 0.13 -4.77 10.03
CA ILE B 192 0.69 -3.62 10.72
C ILE B 192 -0.06 -3.34 12.03
N MET B 193 -1.40 -3.27 11.96
CA MET B 193 -2.18 -2.93 13.12
C MET B 193 -1.94 -3.92 14.26
N ILE B 194 -2.06 -5.21 13.97
CA ILE B 194 -1.82 -6.27 14.97
C ILE B 194 -0.43 -6.13 15.60
N PHE B 195 0.61 -6.12 14.76
CA PHE B 195 2.01 -5.99 15.20
C PHE B 195 2.23 -4.81 16.16
N VAL B 196 1.69 -3.64 15.80
CA VAL B 196 1.77 -2.47 16.65
C VAL B 196 0.95 -2.61 17.94
N ALA B 197 -0.27 -3.12 17.86
CA ALA B 197 -1.11 -3.28 19.05
C ALA B 197 -0.47 -4.21 20.08
N LEU B 198 0.26 -5.21 19.58
CA LEU B 198 1.02 -6.09 20.44
C LEU B 198 2.11 -5.33 21.17
N ARG B 199 2.74 -4.39 20.49
CA ARG B 199 3.82 -3.60 21.09
C ARG B 199 3.33 -2.65 22.19
N VAL B 200 2.21 -1.98 21.92
CA VAL B 200 1.49 -1.17 22.91
C VAL B 200 1.17 -2.05 24.12
N TYR B 201 0.68 -3.25 23.85
CA TYR B 201 0.35 -4.19 24.92
C TYR B 201 1.52 -4.43 25.85
N ARG B 202 2.65 -4.89 25.30
CA ARG B 202 3.89 -5.07 26.05
C ARG B 202 4.22 -3.81 26.85
N GLU B 203 4.30 -2.66 26.19
CA GLU B 203 4.64 -1.43 26.88
C GLU B 203 3.68 -1.09 28.03
N ALA B 204 2.39 -1.32 27.85
CA ALA B 204 1.42 -1.17 28.94
C ALA B 204 1.71 -2.09 30.14
N LYS B 205 2.04 -3.35 29.86
CA LYS B 205 2.33 -4.31 30.90
C LYS B 205 3.59 -3.89 31.67
N GLU B 206 4.60 -3.41 30.95
CA GLU B 206 5.84 -2.96 31.54
C GLU B 206 5.62 -1.80 32.53
N GLN B 207 4.66 -0.93 32.27
CA GLN B 207 4.36 0.20 33.15
C GLN B 207 3.59 -0.21 34.41
N ILE B 208 3.26 -1.49 34.51
CA ILE B 208 2.38 -2.01 35.54
C ILE B 208 3.19 -2.69 36.65
N ARG B 209 4.47 -2.95 36.39
CA ARG B 209 5.45 -3.20 37.46
C ARG B 209 5.32 -2.02 38.43
N LYS B 210 5.39 -2.31 39.72
CA LYS B 210 5.35 -1.23 40.73
C LYS B 210 3.98 -0.59 40.94
N ILE B 211 2.96 -1.05 40.22
CA ILE B 211 1.60 -0.49 40.37
C ILE B 211 0.97 -0.81 41.74
N ASP B 212 1.12 -2.05 42.19
CA ASP B 212 0.55 -2.51 43.47
C ASP B 212 1.43 -2.13 44.64
N ARG B 213 2.24 -1.08 44.46
CA ARG B 213 3.06 -0.55 45.54
C ARG B 213 2.20 0.34 46.40
N ALA B 214 2.04 -0.07 47.65
CA ALA B 214 1.38 0.71 48.70
C ALA B 214 1.61 2.23 48.48
N SER B 215 2.84 2.58 48.12
CA SER B 215 3.29 3.97 47.97
C SER B 215 2.89 4.62 46.64
N LYS B 216 2.20 3.88 45.78
CA LYS B 216 1.62 4.49 44.59
C LYS B 216 0.09 4.50 44.60
N ARG B 217 -0.50 3.73 45.53
CA ARG B 217 -1.94 3.54 45.62
C ARG B 217 -2.80 4.80 45.41
N LYS B 218 -2.38 5.94 45.94
CA LYS B 218 -3.16 7.16 45.72
C LYS B 218 -2.80 7.93 44.44
N THR B 219 -1.49 8.11 44.18
CA THR B 219 -0.98 8.85 43.00
C THR B 219 -1.13 8.14 41.63
N SER B 220 -0.01 7.66 41.13
CA SER B 220 0.11 7.20 39.76
C SER B 220 -0.92 6.13 39.44
N ARG B 221 -1.38 5.45 40.48
CA ARG B 221 -2.04 4.18 40.29
C ARG B 221 -3.46 4.28 39.72
N VAL B 222 -4.18 5.34 40.08
CA VAL B 222 -5.51 5.54 39.50
C VAL B 222 -5.41 6.17 38.11
N MET B 223 -4.48 7.14 37.96
CA MET B 223 -4.08 7.72 36.67
C MET B 223 -3.80 6.64 35.62
N LEU B 224 -3.22 5.54 36.05
CA LEU B 224 -2.75 4.47 35.17
C LEU B 224 -3.83 3.44 34.88
N MET B 225 -4.83 3.35 35.76
CA MET B 225 -5.95 2.46 35.52
C MET B 225 -6.93 3.11 34.53
N ARG B 226 -7.07 4.42 34.62
CA ARG B 226 -7.93 5.16 33.71
C ARG B 226 -7.42 5.10 32.27
N GLU B 227 -6.10 5.19 32.11
CA GLU B 227 -5.42 5.09 30.81
C GLU B 227 -5.51 3.71 30.20
N HIS B 228 -5.42 2.69 31.04
CA HIS B 228 -5.51 1.31 30.60
C HIS B 228 -6.92 0.86 30.26
N LYS B 229 -7.95 1.47 30.84
CA LYS B 229 -9.31 1.18 30.39
C LYS B 229 -9.50 1.77 29.01
N ALA B 230 -9.01 2.99 28.83
CA ALA B 230 -9.10 3.67 27.55
C ALA B 230 -8.39 2.88 26.45
N LEU B 231 -7.19 2.41 26.74
CA LEU B 231 -6.43 1.62 25.82
C LEU B 231 -7.16 0.37 25.41
N LYS B 232 -7.71 -0.35 26.40
CA LYS B 232 -8.49 -1.56 26.14
C LYS B 232 -9.74 -1.27 25.27
N THR B 233 -10.38 -0.12 25.50
CA THR B 233 -11.46 0.30 24.62
C THR B 233 -11.01 0.32 23.15
N LEU B 234 -9.97 1.11 22.84
CA LEU B 234 -9.34 1.09 21.50
C LEU B 234 -9.00 -0.34 21.04
N GLY B 235 -8.50 -1.16 21.95
CA GLY B 235 -8.24 -2.56 21.65
C GLY B 235 -9.47 -3.25 21.11
N ILE B 236 -10.61 -3.03 21.76
CA ILE B 236 -11.90 -3.66 21.38
C ILE B 236 -12.38 -3.18 20.00
N ILE B 237 -12.28 -1.87 19.76
CA ILE B 237 -12.54 -1.28 18.44
C ILE B 237 -11.83 -2.08 17.34
N MET B 238 -10.52 -2.30 17.52
CA MET B 238 -9.67 -2.99 16.55
C MET B 238 -9.99 -4.44 16.44
N GLY B 239 -10.39 -5.03 17.56
CA GLY B 239 -10.70 -6.45 17.58
C GLY B 239 -12.03 -6.72 16.90
N VAL B 240 -13.00 -5.84 17.16
CA VAL B 240 -14.35 -6.07 16.65
C VAL B 240 -14.34 -5.86 15.15
N PHE B 241 -13.72 -4.76 14.70
CA PHE B 241 -13.51 -4.50 13.28
C PHE B 241 -12.89 -5.72 12.59
N THR B 242 -11.81 -6.25 13.16
CA THR B 242 -11.18 -7.43 12.58
C THR B 242 -12.18 -8.59 12.41
N LEU B 243 -12.95 -8.89 13.46
CA LEU B 243 -13.91 -9.99 13.41
C LEU B 243 -15.05 -9.73 12.43
N CYS B 244 -15.47 -8.48 12.32
CA CYS B 244 -16.49 -8.14 11.34
C CYS B 244 -16.04 -8.24 9.87
N TRP B 245 -14.74 -8.12 9.62
CA TRP B 245 -14.24 -8.10 8.25
C TRP B 245 -13.44 -9.34 7.87
N LEU B 246 -12.83 -9.99 8.86
CA LEU B 246 -12.04 -11.15 8.51
C LEU B 246 -12.88 -12.19 7.70
N PRO B 247 -14.10 -12.55 8.16
CA PRO B 247 -14.79 -13.58 7.38
C PRO B 247 -14.95 -13.22 5.90
N PHE B 248 -15.26 -11.97 5.61
CA PHE B 248 -15.42 -11.56 4.23
C PHE B 248 -14.12 -11.63 3.45
N PHE B 249 -13.04 -11.09 4.00
CA PHE B 249 -11.78 -11.12 3.28
C PHE B 249 -11.12 -12.47 3.12
N LEU B 250 -11.48 -13.41 3.99
CA LEU B 250 -11.07 -14.79 3.82
C LEU B 250 -11.83 -15.40 2.66
N VAL B 251 -13.15 -15.21 2.69
CA VAL B 251 -14.01 -15.77 1.68
C VAL B 251 -13.65 -15.22 0.30
N ASN B 252 -13.39 -13.91 0.24
CA ASN B 252 -12.88 -13.22 -0.96
C ASN B 252 -11.70 -13.98 -1.58
N ILE B 253 -10.70 -14.29 -0.77
CA ILE B 253 -9.54 -15.00 -1.27
C ILE B 253 -9.91 -16.42 -1.67
N VAL B 254 -10.70 -17.10 -0.85
CA VAL B 254 -11.19 -18.46 -1.20
C VAL B 254 -11.76 -18.63 -2.62
N ASN B 255 -12.71 -17.77 -3.04
CA ASN B 255 -13.25 -17.82 -4.42
C ASN B 255 -12.20 -17.87 -5.49
N VAL B 256 -11.06 -17.29 -5.20
CA VAL B 256 -10.06 -17.19 -6.21
C VAL B 256 -9.64 -18.60 -6.60
N PHE B 257 -9.41 -19.45 -5.60
CA PHE B 257 -8.94 -20.83 -5.80
C PHE B 257 -10.07 -21.84 -6.03
N ASN B 258 -11.28 -21.53 -5.54
CA ASN B 258 -12.42 -22.45 -5.70
C ASN B 258 -13.74 -21.70 -5.77
N ARG B 259 -14.27 -21.52 -6.99
CA ARG B 259 -15.48 -20.69 -7.18
C ARG B 259 -16.71 -21.28 -6.50
N ASP B 260 -16.74 -22.60 -6.37
CA ASP B 260 -17.94 -23.30 -5.89
C ASP B 260 -17.88 -23.72 -4.44
N LEU B 261 -17.13 -23.02 -3.59
CA LEU B 261 -17.03 -23.46 -2.20
C LEU B 261 -17.89 -22.64 -1.24
N VAL B 262 -17.84 -21.32 -1.37
CA VAL B 262 -18.71 -20.44 -0.61
C VAL B 262 -20.01 -20.22 -1.40
N PRO B 263 -21.17 -20.58 -0.80
CA PRO B 263 -22.45 -20.20 -1.39
C PRO B 263 -22.63 -18.69 -1.55
N ASP B 264 -23.38 -18.33 -2.57
CA ASP B 264 -23.65 -16.95 -2.97
C ASP B 264 -24.20 -16.05 -1.86
N TRP B 265 -25.00 -16.62 -0.96
CA TRP B 265 -25.67 -15.84 0.09
C TRP B 265 -24.73 -15.61 1.28
N LEU B 266 -23.81 -16.55 1.52
CA LEU B 266 -22.85 -16.46 2.62
C LEU B 266 -21.81 -15.39 2.31
N PHE B 267 -21.44 -15.27 1.03
CA PHE B 267 -20.61 -14.17 0.56
C PHE B 267 -21.23 -12.83 0.96
N VAL B 268 -22.37 -12.49 0.38
CA VAL B 268 -23.08 -11.27 0.74
C VAL B 268 -23.25 -11.08 2.26
N ALA B 269 -23.52 -12.19 2.96
CA ALA B 269 -23.84 -12.13 4.39
C ALA B 269 -22.67 -11.54 5.15
N PHE B 270 -21.51 -12.14 4.89
CA PHE B 270 -20.22 -11.70 5.39
C PHE B 270 -19.87 -10.26 5.00
N ASN B 271 -20.19 -9.89 3.77
CA ASN B 271 -20.04 -8.52 3.39
C ASN B 271 -20.93 -7.63 4.27
N TRP B 272 -22.12 -8.12 4.64
CA TRP B 272 -23.04 -7.32 5.52
C TRP B 272 -22.61 -7.28 7.00
N LEU B 273 -22.00 -8.37 7.48
CA LEU B 273 -21.28 -8.34 8.76
C LEU B 273 -20.28 -7.19 8.72
N GLY B 274 -19.57 -7.07 7.60
CA GLY B 274 -18.71 -5.92 7.33
C GLY B 274 -19.42 -4.59 7.53
N TYR B 275 -20.52 -4.36 6.82
CA TYR B 275 -21.28 -3.12 6.99
C TYR B 275 -21.82 -2.95 8.41
N ALA B 276 -22.11 -4.05 9.07
CA ALA B 276 -22.71 -3.98 10.38
C ALA B 276 -21.75 -3.27 11.34
N ASN B 277 -20.45 -3.35 11.05
CA ASN B 277 -19.42 -2.84 11.96
C ASN B 277 -19.48 -1.33 12.25
N SER B 278 -20.07 -0.59 11.33
CA SER B 278 -20.23 0.86 11.49
C SER B 278 -21.23 1.22 12.56
N ALA B 279 -22.00 0.24 13.02
CA ALA B 279 -23.03 0.47 14.01
C ALA B 279 -22.39 0.37 15.38
N MET B 280 -21.27 -0.35 15.44
CA MET B 280 -20.76 -0.87 16.71
C MET B 280 -19.97 0.11 17.57
N ASN B 281 -19.08 0.89 16.96
CA ASN B 281 -18.18 1.77 17.70
C ASN B 281 -18.86 2.72 18.68
N PRO B 282 -20.01 3.31 18.30
CA PRO B 282 -20.61 4.19 19.30
C PRO B 282 -21.07 3.44 20.55
N ILE B 283 -21.61 2.23 20.38
CA ILE B 283 -21.99 1.39 21.52
C ILE B 283 -20.76 1.16 22.37
N ILE B 284 -19.70 0.62 21.76
CA ILE B 284 -18.44 0.37 22.46
C ILE B 284 -17.87 1.59 23.20
N TYR B 285 -18.00 2.81 22.66
CA TYR B 285 -17.57 4.01 23.40
C TYR B 285 -18.35 4.29 24.70
N CYS B 286 -19.37 3.50 24.98
CA CYS B 286 -20.15 3.67 26.21
C CYS B 286 -19.41 3.18 27.44
N ARG B 287 -18.30 2.45 27.22
CA ARG B 287 -17.41 2.03 28.30
C ARG B 287 -16.84 3.23 29.00
N SER B 288 -16.76 4.36 28.29
CA SER B 288 -16.15 5.58 28.79
C SER B 288 -17.15 6.51 29.45
N PRO B 289 -16.93 6.81 30.74
CA PRO B 289 -17.71 7.78 31.51
C PRO B 289 -18.01 9.10 30.77
N ASP B 290 -16.98 9.72 30.19
CA ASP B 290 -17.09 11.01 29.49
C ASP B 290 -18.01 11.00 28.28
N PHE B 291 -17.92 9.92 27.48
CA PHE B 291 -18.76 9.72 26.28
C PHE B 291 -20.21 9.54 26.70
N ARG B 292 -20.41 8.72 27.73
CA ARG B 292 -21.74 8.42 28.23
C ARG B 292 -22.47 9.68 28.70
N LYS B 293 -21.78 10.52 29.46
CA LYS B 293 -22.31 11.82 29.93
C LYS B 293 -22.52 12.84 28.80
N ALA B 294 -21.75 12.71 27.73
CA ALA B 294 -21.94 13.59 26.58
C ALA B 294 -23.12 13.11 25.74
N PHE B 295 -23.31 11.79 25.73
CA PHE B 295 -24.42 11.14 25.03
C PHE B 295 -25.75 11.46 25.69
N LYS B 296 -25.76 11.53 27.02
CA LYS B 296 -26.95 11.96 27.75
C LYS B 296 -27.24 13.45 27.52
N ARG B 297 -26.22 14.31 27.67
CA ARG B 297 -26.31 15.72 27.28
C ARG B 297 -27.09 15.93 25.96
N LEU B 298 -26.51 15.43 24.86
CA LEU B 298 -26.94 15.72 23.51
C LEU B 298 -28.36 15.24 23.20
N LEU B 299 -28.63 13.97 23.50
CA LEU B 299 -29.96 13.39 23.33
C LEU B 299 -31.02 14.07 24.22
N ALA B 300 -30.56 14.90 25.17
CA ALA B 300 -31.43 15.57 26.14
C ALA B 300 -32.40 14.57 26.77
#